data_3PP0
#
_entry.id   3PP0
#
_cell.length_a   48.705
_cell.length_b   78.951
_cell.length_c   152.675
_cell.angle_alpha   90.00
_cell.angle_beta   90.00
_cell.angle_gamma   90.00
#
_symmetry.space_group_name_H-M   'P 21 21 21'
#
loop_
_entity.id
_entity.type
_entity.pdbx_description
1 polymer 'Receptor tyrosine-protein kinase erbB-2'
2 non-polymer 2-{2-[4-({5-chloro-6-[3-(trifluoromethyl)phenoxy]pyridin-3-yl}amino)-5H-pyrrolo[3,2-d]pyrimidin-5-yl]ethoxy}ethanol
3 water water
#
_entity_poly.entity_id   1
_entity_poly.type   'polypeptide(L)'
_entity_poly.pdbx_seq_one_letter_code
;MSGAAPNQALLRILKETELRKVKVLGSGAFGTVYKGIWIPDGENVKIPVAIKVLRENTSPKANKEILDEAYVMAGVGSPY
VSRLLGICLTSTVQLVTQLMPYGCLLDHVRENRGRLGSQDLLNWCMQIAKGMSYLEDVRLVHRDLAARNVLVKSPNHVKI
TDFGLARLLDIDETEYHADGGKVPIKWMALESILRRRFTHQSDVWSYGVTVWELMTFGAKPYDGIPAREIPDLLEKGERL
PQPPICTIDVYMIMVKCWMIDSECRPRFRELVSEFSRMARDPQRFVVIQNEDLGPASPLDSTFYRSLLEDDDMGDLVDAE
EYLVPQQGAAASHHHHHH
;
_entity_poly.pdbx_strand_id   A,B
#
loop_
_chem_comp.id
_chem_comp.type
_chem_comp.name
_chem_comp.formula
03Q non-polymer 2-{2-[4-({5-chloro-6-[3-(trifluoromethyl)phenoxy]pyridin-3-yl}amino)-5H-pyrrolo[3,2-d]pyrimidin-5-yl]ethoxy}ethanol 'C22 H19 Cl F3 N5 O3'
#
# COMPACT_ATOMS: atom_id res chain seq x y z
N ALA A 5 -14.77 -9.29 -2.84
CA ALA A 5 -14.30 -10.09 -1.67
C ALA A 5 -13.41 -9.26 -0.75
N PRO A 6 -13.70 -9.28 0.58
CA PRO A 6 -12.76 -8.69 1.54
C PRO A 6 -11.41 -9.40 1.55
N ASN A 7 -10.38 -8.74 1.02
CA ASN A 7 -9.06 -9.32 0.90
C ASN A 7 -8.26 -9.17 2.21
N GLN A 8 -8.49 -10.10 3.13
CA GLN A 8 -7.85 -10.14 4.46
C GLN A 8 -6.35 -10.56 4.43
N ALA A 9 -5.73 -10.54 3.26
CA ALA A 9 -4.30 -10.81 3.15
C ALA A 9 -3.56 -9.94 4.16
N LEU A 10 -2.62 -10.55 4.87
CA LEU A 10 -1.79 -9.81 5.81
C LEU A 10 -0.47 -9.44 5.14
N LEU A 11 -0.10 -8.16 5.21
CA LEU A 11 1.19 -7.73 4.68
C LEU A 11 2.06 -7.25 5.82
N ARG A 12 3.23 -7.85 5.97
CA ARG A 12 4.11 -7.48 7.06
C ARG A 12 5.11 -6.43 6.57
N ILE A 13 5.29 -5.35 7.32
CA ILE A 13 6.30 -4.34 7.00
C ILE A 13 7.41 -4.51 8.04
N LEU A 14 8.57 -5.01 7.60
CA LEU A 14 9.60 -5.53 8.50
C LEU A 14 10.70 -4.51 8.73
N LYS A 15 11.27 -4.43 9.92
CA LYS A 15 12.49 -3.66 10.04
C LYS A 15 13.67 -4.50 9.57
N GLU A 16 14.63 -3.83 8.94
CA GLU A 16 15.79 -4.45 8.33
C GLU A 16 16.55 -5.34 9.31
N THR A 17 16.52 -4.97 10.60
CA THR A 17 17.19 -5.75 11.64
C THR A 17 16.54 -7.12 11.94
N GLU A 18 15.35 -7.36 11.41
CA GLU A 18 14.70 -8.66 11.57
C GLU A 18 15.32 -9.67 10.61
N LEU A 19 15.98 -9.16 9.57
CA LEU A 19 16.54 -9.99 8.51
C LEU A 19 18.05 -10.14 8.60
N ARG A 20 18.56 -11.32 8.25
CA ARG A 20 20.00 -11.51 8.09
C ARG A 20 20.28 -12.18 6.76
N LYS A 21 21.05 -11.51 5.93
CA LYS A 21 21.47 -12.03 4.64
C LYS A 21 22.62 -12.99 4.84
N VAL A 22 22.50 -14.17 4.27
CA VAL A 22 23.37 -15.29 4.62
C VAL A 22 24.21 -15.76 3.44
N LYS A 23 23.65 -15.64 2.26
CA LYS A 23 24.25 -16.15 1.03
C LYS A 23 23.52 -15.46 -0.13
N VAL A 24 24.20 -15.28 -1.26
CA VAL A 24 23.56 -14.72 -2.42
C VAL A 24 23.00 -15.88 -3.19
N LEU A 25 21.70 -15.83 -3.49
CA LEU A 25 21.05 -16.92 -4.18
C LEU A 25 21.18 -16.77 -5.68
N GLY A 26 21.21 -15.53 -6.13
CA GLY A 26 21.28 -15.22 -7.56
C GLY A 26 20.59 -13.90 -7.85
N SER A 27 20.38 -13.64 -9.13
CA SER A 27 19.68 -12.44 -9.58
C SER A 27 18.25 -12.79 -9.96
N GLY A 28 17.31 -11.96 -9.48
CA GLY A 28 15.94 -11.98 -9.99
C GLY A 28 15.89 -11.03 -11.17
N ALA A 29 14.69 -10.61 -11.54
CA ALA A 29 14.56 -9.50 -12.50
C ALA A 29 14.62 -8.16 -11.76
N PHE A 30 15.62 -7.34 -12.08
CA PHE A 30 15.82 -5.99 -11.50
C PHE A 30 16.13 -6.00 -9.98
N GLY A 31 16.82 -7.04 -9.52
CA GLY A 31 17.20 -7.13 -8.12
C GLY A 31 17.98 -8.38 -7.75
N THR A 32 18.76 -8.27 -6.67
CA THR A 32 19.55 -9.38 -6.14
C THR A 32 18.77 -10.11 -5.05
N VAL A 33 18.75 -11.43 -5.16
CA VAL A 33 18.07 -12.29 -4.19
C VAL A 33 19.06 -12.99 -3.24
N TYR A 34 18.79 -12.86 -1.95
CA TYR A 34 19.67 -13.46 -0.96
C TYR A 34 18.94 -14.54 -0.22
N LYS A 35 19.69 -15.57 0.17
CA LYS A 35 19.23 -16.47 1.19
C LYS A 35 19.32 -15.71 2.50
N GLY A 36 18.36 -15.91 3.40
CA GLY A 36 18.51 -15.38 4.71
C GLY A 36 17.64 -16.00 5.79
N ILE A 37 17.64 -15.31 6.93
CA ILE A 37 16.92 -15.71 8.12
C ILE A 37 16.11 -14.50 8.60
N TRP A 38 14.80 -14.69 8.66
CA TRP A 38 13.91 -13.71 9.23
C TRP A 38 13.54 -14.12 10.63
N ILE A 39 13.87 -13.26 11.60
CA ILE A 39 13.36 -13.43 12.94
C ILE A 39 12.23 -12.40 13.19
N PRO A 40 10.97 -12.84 13.05
CA PRO A 40 9.87 -11.89 13.21
C PRO A 40 9.84 -11.24 14.59
N ASP A 41 9.55 -9.95 14.61
CA ASP A 41 9.43 -9.17 15.84
C ASP A 41 8.45 -9.85 16.80
N GLY A 42 8.87 -9.99 18.06
CA GLY A 42 8.04 -10.62 19.09
C GLY A 42 8.09 -12.14 19.04
N GLU A 43 8.89 -12.67 18.13
CA GLU A 43 9.07 -14.11 17.96
C GLU A 43 10.55 -14.45 18.02
N ASN A 44 10.87 -15.63 18.53
CA ASN A 44 12.26 -16.10 18.61
C ASN A 44 12.64 -17.13 17.53
N VAL A 45 11.68 -17.49 16.69
CA VAL A 45 11.90 -18.43 15.60
C VAL A 45 12.81 -17.87 14.50
N LYS A 46 13.62 -18.75 13.90
CA LYS A 46 14.47 -18.38 12.76
C LYS A 46 13.88 -18.97 11.47
N ILE A 47 13.20 -18.14 10.70
CA ILE A 47 12.53 -18.59 9.48
C ILE A 47 13.45 -18.44 8.28
N PRO A 48 13.63 -19.53 7.51
CA PRO A 48 14.43 -19.45 6.29
C PRO A 48 13.70 -18.66 5.24
N VAL A 49 14.38 -17.64 4.69
CA VAL A 49 13.78 -16.79 3.68
C VAL A 49 14.68 -16.54 2.49
N ALA A 50 14.05 -16.11 1.41
CA ALA A 50 14.73 -15.44 0.35
C ALA A 50 14.38 -13.97 0.48
N ILE A 51 15.37 -13.11 0.24
CA ILE A 51 15.19 -11.68 0.34
C ILE A 51 15.63 -11.07 -0.96
N LYS A 52 14.70 -10.48 -1.69
CA LYS A 52 15.07 -9.83 -2.93
C LYS A 52 15.18 -8.34 -2.67
N VAL A 53 16.36 -7.80 -2.95
CA VAL A 53 16.65 -6.40 -2.80
C VAL A 53 16.62 -5.73 -4.18
N LEU A 54 15.76 -4.74 -4.33
CA LEU A 54 15.52 -4.06 -5.61
C LEU A 54 16.51 -2.93 -5.86
N ARG A 55 16.52 -2.37 -7.07
CA ARG A 55 17.34 -1.18 -7.34
C ARG A 55 17.09 -0.07 -6.31
N GLU A 56 18.12 0.71 -5.98
CA GLU A 56 17.94 1.83 -5.03
C GLU A 56 17.25 3.02 -5.69
N ASN A 57 17.52 3.25 -6.98
CA ASN A 57 16.87 4.32 -7.71
C ASN A 57 15.52 3.86 -8.24
N THR A 58 14.46 4.31 -7.59
CA THR A 58 13.11 3.90 -7.95
C THR A 58 12.23 5.12 -8.17
N SER A 59 11.65 5.22 -9.36
CA SER A 59 10.69 6.27 -9.68
C SER A 59 9.37 5.98 -8.96
N PRO A 60 8.50 7.01 -8.84
CA PRO A 60 7.12 6.79 -8.38
C PRO A 60 6.38 5.67 -9.11
N LYS A 61 6.44 5.64 -10.44
CA LYS A 61 5.84 4.55 -11.24
C LYS A 61 6.27 3.18 -10.72
N ALA A 62 7.58 3.01 -10.56
CA ALA A 62 8.18 1.79 -10.06
C ALA A 62 7.71 1.43 -8.64
N ASN A 63 7.65 2.42 -7.75
CA ASN A 63 7.17 2.16 -6.39
C ASN A 63 5.71 1.71 -6.38
N LYS A 64 4.90 2.38 -7.19
CA LYS A 64 3.51 1.98 -7.40
C LYS A 64 3.40 0.54 -7.93
N GLU A 65 4.24 0.17 -8.90
CA GLU A 65 4.25 -1.20 -9.44
C GLU A 65 4.69 -2.23 -8.39
N ILE A 66 5.69 -1.86 -7.60
CA ILE A 66 6.18 -2.74 -6.55
C ILE A 66 5.03 -3.04 -5.56
N LEU A 67 4.28 -2.00 -5.21
CA LEU A 67 3.18 -2.13 -4.26
C LEU A 67 1.96 -2.89 -4.81
N ASP A 68 1.71 -2.79 -6.11
CA ASP A 68 0.73 -3.62 -6.79
C ASP A 68 1.05 -5.11 -6.67
N GLU A 69 2.30 -5.45 -6.97
CA GLU A 69 2.79 -6.81 -6.93
C GLU A 69 2.65 -7.32 -5.50
N ALA A 70 2.96 -6.44 -4.55
CA ALA A 70 2.87 -6.78 -3.15
C ALA A 70 1.41 -6.95 -2.73
N TYR A 71 0.52 -6.14 -3.30
CA TYR A 71 -0.91 -6.24 -2.99
C TYR A 71 -1.46 -7.59 -3.44
N VAL A 72 -0.99 -8.07 -4.58
CA VAL A 72 -1.47 -9.34 -5.12
C VAL A 72 -0.77 -10.53 -4.46
N MET A 73 0.54 -10.44 -4.33
CA MET A 73 1.31 -11.57 -3.84
C MET A 73 1.25 -11.84 -2.34
N ALA A 74 0.67 -10.91 -1.57
CA ALA A 74 0.49 -11.11 -0.14
C ALA A 74 -0.66 -12.06 0.17
N GLY A 75 -1.60 -12.14 -0.76
CA GLY A 75 -2.72 -13.06 -0.61
C GLY A 75 -2.33 -14.52 -0.42
N VAL A 76 -3.12 -15.24 0.38
CA VAL A 76 -3.15 -16.69 0.33
C VAL A 76 -3.85 -17.05 -0.99
N GLY A 77 -3.07 -17.34 -2.02
CA GLY A 77 -3.61 -17.67 -3.34
C GLY A 77 -3.32 -19.10 -3.76
N SER A 78 -2.74 -19.25 -4.94
CA SER A 78 -2.35 -20.57 -5.42
C SER A 78 -1.16 -21.09 -4.62
N PRO A 79 -1.11 -22.42 -4.39
CA PRO A 79 0.11 -23.02 -3.89
C PRO A 79 1.24 -22.94 -4.92
N TYR A 80 0.94 -22.47 -6.12
CA TYR A 80 1.92 -22.53 -7.20
C TYR A 80 2.45 -21.18 -7.56
N VAL A 81 2.21 -20.23 -6.68
CA VAL A 81 2.76 -18.90 -6.75
C VAL A 81 3.44 -18.64 -5.41
N SER A 82 4.58 -17.97 -5.43
CA SER A 82 5.29 -17.63 -4.21
C SER A 82 4.63 -16.43 -3.55
N ARG A 83 4.45 -16.55 -2.24
CA ARG A 83 3.71 -15.59 -1.46
C ARG A 83 4.68 -14.58 -0.83
N LEU A 84 4.32 -13.30 -0.90
CA LEU A 84 5.12 -12.28 -0.27
C LEU A 84 4.85 -12.27 1.25
N LEU A 85 5.84 -12.70 2.03
CA LEU A 85 5.72 -12.76 3.49
C LEU A 85 5.75 -11.39 4.16
N GLY A 86 6.45 -10.45 3.53
CA GLY A 86 6.62 -9.11 4.04
C GLY A 86 7.54 -8.26 3.18
N ILE A 87 7.48 -6.96 3.39
CA ILE A 87 8.33 -5.99 2.71
C ILE A 87 9.04 -5.18 3.76
N CYS A 88 10.30 -4.86 3.48
CA CYS A 88 11.08 -3.94 4.29
C CYS A 88 11.33 -2.67 3.48
N LEU A 89 10.75 -1.58 3.95
CA LEU A 89 10.80 -0.31 3.21
C LEU A 89 11.92 0.61 3.67
N THR A 90 13.18 0.19 3.50
CA THR A 90 14.29 1.11 3.77
C THR A 90 14.50 1.94 2.51
N SER A 91 15.57 2.75 2.50
CA SER A 91 15.98 3.48 1.31
C SER A 91 15.73 2.61 0.08
N THR A 92 16.21 1.37 0.18
CA THR A 92 15.98 0.34 -0.80
C THR A 92 14.96 -0.69 -0.28
N VAL A 93 14.02 -1.03 -1.15
CA VAL A 93 12.96 -1.98 -0.82
C VAL A 93 13.49 -3.40 -0.84
N GLN A 94 13.13 -4.14 0.20
CA GLN A 94 13.47 -5.55 0.32
C GLN A 94 12.19 -6.36 0.41
N LEU A 95 12.10 -7.37 -0.43
CA LEU A 95 10.96 -8.23 -0.52
C LEU A 95 11.35 -9.56 0.11
N VAL A 96 10.49 -10.05 0.98
CA VAL A 96 10.78 -11.26 1.73
C VAL A 96 9.73 -12.34 1.46
N THR A 97 10.22 -13.55 1.22
CA THR A 97 9.40 -14.68 0.83
C THR A 97 9.99 -15.94 1.43
N GLN A 98 9.22 -17.03 1.43
CA GLN A 98 9.69 -18.30 1.97
C GLN A 98 10.77 -18.88 1.09
N LEU A 99 11.90 -19.26 1.70
CA LEU A 99 12.99 -19.86 0.96
C LEU A 99 12.52 -21.22 0.40
N MET A 100 12.80 -21.45 -0.87
CA MET A 100 12.46 -22.73 -1.51
C MET A 100 13.76 -23.53 -1.60
N PRO A 101 13.86 -24.61 -0.81
CA PRO A 101 15.16 -25.28 -0.60
C PRO A 101 15.83 -25.83 -1.87
N TYR A 102 15.05 -26.19 -2.89
CA TYR A 102 15.60 -26.74 -4.13
C TYR A 102 15.95 -25.72 -5.23
N GLY A 103 15.87 -24.42 -4.93
CA GLY A 103 16.29 -23.39 -5.89
C GLY A 103 15.37 -23.27 -7.09
N CYS A 104 15.85 -22.63 -8.17
CA CYS A 104 14.95 -22.40 -9.28
C CYS A 104 14.83 -23.64 -10.15
N LEU A 105 13.68 -23.79 -10.80
CA LEU A 105 13.42 -24.95 -11.62
C LEU A 105 14.42 -25.12 -12.76
N LEU A 106 14.95 -24.02 -13.26
CA LEU A 106 15.90 -24.07 -14.36
C LEU A 106 17.16 -24.85 -13.94
N ASP A 107 17.75 -24.48 -12.81
CA ASP A 107 18.92 -25.18 -12.27
C ASP A 107 18.56 -26.60 -11.90
N HIS A 108 17.41 -26.79 -11.26
CA HIS A 108 16.96 -28.10 -10.83
C HIS A 108 16.89 -29.11 -11.96
N VAL A 109 16.26 -28.73 -13.08
CA VAL A 109 16.15 -29.64 -14.22
C VAL A 109 17.52 -29.91 -14.85
N ARG A 110 18.40 -28.90 -14.88
CA ARG A 110 19.73 -29.06 -15.49
C ARG A 110 20.58 -30.01 -14.70
N GLU A 111 20.46 -29.93 -13.39
CA GLU A 111 21.30 -30.71 -12.50
C GLU A 111 20.63 -32.01 -12.04
N ASN A 112 19.35 -32.18 -12.38
CA ASN A 112 18.69 -33.46 -12.14
C ASN A 112 18.31 -34.14 -13.45
N ARG A 113 18.93 -33.67 -14.53
CA ARG A 113 18.69 -34.17 -15.88
C ARG A 113 18.51 -35.68 -15.88
N GLY A 114 19.46 -36.39 -15.27
CA GLY A 114 19.50 -37.85 -15.31
C GLY A 114 18.45 -38.57 -14.49
N ARG A 115 17.77 -37.86 -13.58
CA ARG A 115 16.84 -38.51 -12.65
C ARG A 115 15.35 -38.13 -12.74
N LEU A 116 15.05 -37.02 -13.41
CA LEU A 116 13.65 -36.54 -13.51
C LEU A 116 12.82 -37.42 -14.44
N GLY A 117 11.58 -37.70 -14.03
CA GLY A 117 10.70 -38.56 -14.82
C GLY A 117 9.62 -37.80 -15.57
N SER A 118 8.98 -38.49 -16.50
CA SER A 118 7.76 -38.02 -17.18
C SER A 118 6.77 -37.38 -16.22
N GLN A 119 6.48 -38.06 -15.10
CA GLN A 119 5.48 -37.61 -14.14
C GLN A 119 5.84 -36.23 -13.53
N ASP A 120 7.13 -36.08 -13.23
CA ASP A 120 7.65 -34.82 -12.70
C ASP A 120 7.41 -33.67 -13.66
N LEU A 121 7.89 -33.83 -14.89
CA LEU A 121 7.85 -32.79 -15.89
C LEU A 121 6.43 -32.35 -16.18
N LEU A 122 5.55 -33.33 -16.31
CA LEU A 122 4.15 -33.07 -16.57
C LEU A 122 3.45 -32.41 -15.40
N ASN A 123 3.77 -32.82 -14.18
CA ASN A 123 3.21 -32.17 -12.99
C ASN A 123 3.61 -30.71 -12.93
N TRP A 124 4.89 -30.45 -13.13
CA TRP A 124 5.38 -29.10 -13.14
C TRP A 124 4.65 -28.26 -14.19
N CYS A 125 4.50 -28.79 -15.41
CA CYS A 125 3.78 -28.03 -16.45
C CYS A 125 2.36 -27.73 -16.00
N MET A 126 1.72 -28.70 -15.37
CA MET A 126 0.38 -28.47 -14.85
C MET A 126 0.37 -27.38 -13.77
N GLN A 127 1.26 -27.51 -12.79
CA GLN A 127 1.34 -26.57 -11.67
C GLN A 127 1.65 -25.15 -12.13
N ILE A 128 2.55 -25.01 -13.09
CA ILE A 128 2.86 -23.68 -13.61
C ILE A 128 1.62 -23.08 -14.26
N ALA A 129 0.90 -23.90 -15.03
CA ALA A 129 -0.35 -23.47 -15.65
C ALA A 129 -1.38 -23.08 -14.58
N LYS A 130 -1.45 -23.85 -13.49
CA LYS A 130 -2.37 -23.54 -12.41
C LYS A 130 -2.00 -22.23 -11.75
N GLY A 131 -0.70 -22.03 -11.50
CA GLY A 131 -0.21 -20.77 -10.98
C GLY A 131 -0.58 -19.60 -11.86
N MET A 132 -0.41 -19.76 -13.18
CA MET A 132 -0.68 -18.66 -14.11
C MET A 132 -2.17 -18.45 -14.28
N SER A 133 -2.91 -19.54 -14.22
CA SER A 133 -4.35 -19.44 -14.24
C SER A 133 -4.80 -18.55 -13.08
N TYR A 134 -4.29 -18.81 -11.88
CA TYR A 134 -4.61 -18.01 -10.70
C TYR A 134 -4.27 -16.53 -10.88
N LEU A 135 -3.06 -16.25 -11.37
CA LEU A 135 -2.62 -14.87 -11.60
C LEU A 135 -3.51 -14.15 -12.61
N GLU A 136 -3.92 -14.89 -13.63
CA GLU A 136 -4.90 -14.38 -14.56
C GLU A 136 -6.18 -13.93 -13.82
N ASP A 137 -6.66 -14.75 -12.88
CA ASP A 137 -7.88 -14.42 -12.13
C ASP A 137 -7.73 -13.17 -11.29
N VAL A 138 -6.51 -12.90 -10.84
CA VAL A 138 -6.26 -11.70 -10.07
C VAL A 138 -5.67 -10.58 -10.93
N ARG A 139 -5.82 -10.72 -12.24
CA ARG A 139 -5.52 -9.65 -13.20
C ARG A 139 -4.03 -9.33 -13.29
N LEU A 140 -3.18 -10.28 -12.92
CA LEU A 140 -1.74 -10.02 -12.99
C LEU A 140 -1.16 -10.66 -14.25
N VAL A 141 -0.56 -9.81 -15.10
CA VAL A 141 0.26 -10.23 -16.22
C VAL A 141 1.74 -10.28 -15.74
N HIS A 142 2.34 -11.46 -15.81
CA HIS A 142 3.69 -11.68 -15.31
C HIS A 142 4.77 -11.02 -16.20
N ARG A 143 4.62 -11.17 -17.51
CA ARG A 143 5.54 -10.63 -18.53
C ARG A 143 6.93 -11.25 -18.54
N ASP A 144 7.22 -12.12 -17.57
CA ASP A 144 8.57 -12.70 -17.46
C ASP A 144 8.56 -14.14 -16.99
N LEU A 145 7.55 -14.88 -17.41
CA LEU A 145 7.44 -16.26 -17.00
C LEU A 145 8.54 -17.04 -17.71
N ALA A 146 9.28 -17.85 -16.94
CA ALA A 146 10.44 -18.60 -17.49
C ALA A 146 10.93 -19.57 -16.45
N ALA A 147 11.64 -20.60 -16.89
CA ALA A 147 12.13 -21.62 -15.96
C ALA A 147 12.94 -20.99 -14.81
N ARG A 148 13.73 -19.96 -15.14
CA ARG A 148 14.50 -19.20 -14.13
C ARG A 148 13.65 -18.45 -13.10
N ASN A 149 12.33 -18.38 -13.31
CA ASN A 149 11.43 -17.68 -12.40
C ASN A 149 10.39 -18.58 -11.77
N VAL A 150 10.64 -19.88 -11.83
CA VAL A 150 9.83 -20.85 -11.14
C VAL A 150 10.75 -21.46 -10.10
N LEU A 151 10.21 -21.77 -8.94
CA LEU A 151 11.04 -22.33 -7.88
C LEU A 151 10.55 -23.71 -7.53
N VAL A 152 11.42 -24.50 -6.94
CA VAL A 152 11.07 -25.85 -6.52
C VAL A 152 10.99 -25.86 -4.99
N LYS A 153 9.78 -25.97 -4.45
CA LYS A 153 9.56 -26.18 -3.02
C LYS A 153 10.00 -27.60 -2.68
N SER A 154 9.54 -28.55 -3.48
CA SER A 154 9.91 -29.95 -3.37
C SER A 154 9.68 -30.57 -4.74
N PRO A 155 10.25 -31.77 -4.98
CA PRO A 155 10.18 -32.36 -6.32
C PRO A 155 8.79 -32.38 -6.93
N ASN A 156 7.75 -32.49 -6.09
CA ASN A 156 6.37 -32.48 -6.58
C ASN A 156 5.62 -31.13 -6.43
N HIS A 157 6.36 -30.02 -6.29
CA HIS A 157 5.74 -28.74 -5.97
C HIS A 157 6.54 -27.52 -6.45
N VAL A 158 6.09 -26.91 -7.55
CA VAL A 158 6.75 -25.70 -8.03
C VAL A 158 5.96 -24.43 -7.73
N LYS A 159 6.65 -23.28 -7.77
CA LYS A 159 6.03 -21.98 -7.55
C LYS A 159 6.57 -20.94 -8.52
N ILE A 160 5.66 -20.20 -9.13
CA ILE A 160 6.01 -19.08 -9.96
C ILE A 160 6.44 -17.95 -9.02
N THR A 161 7.51 -17.25 -9.39
CA THR A 161 8.02 -16.20 -8.53
C THR A 161 8.55 -14.99 -9.29
N ASP A 162 9.36 -14.20 -8.57
CA ASP A 162 10.06 -13.00 -9.02
C ASP A 162 9.17 -11.80 -9.20
N PHE A 163 8.35 -11.82 -10.24
CA PHE A 163 7.34 -10.78 -10.49
C PHE A 163 7.92 -9.39 -10.72
N GLY A 164 9.23 -9.33 -10.94
CA GLY A 164 9.94 -8.09 -11.23
C GLY A 164 9.40 -7.24 -12.38
N LEU A 165 8.73 -7.88 -13.34
CA LEU A 165 8.17 -7.14 -14.49
C LEU A 165 6.63 -7.16 -14.51
N ALA A 166 6.04 -7.72 -13.45
CA ALA A 166 4.60 -7.96 -13.37
C ALA A 166 3.79 -6.68 -13.23
N ARG A 167 2.65 -6.65 -13.91
CA ARG A 167 1.77 -5.49 -13.91
C ARG A 167 0.34 -5.92 -13.59
N LEU A 168 -0.29 -5.19 -12.68
CA LEU A 168 -1.69 -5.47 -12.33
C LEU A 168 -2.58 -4.67 -13.29
N LEU A 169 -3.45 -5.37 -14.02
CA LEU A 169 -4.34 -4.72 -14.97
C LEU A 169 -5.52 -4.14 -14.24
N ASP A 170 -5.89 -2.90 -14.59
CA ASP A 170 -7.06 -2.31 -13.98
C ASP A 170 -8.31 -2.94 -14.57
N ILE A 171 -9.44 -2.71 -13.92
CA ILE A 171 -10.74 -3.12 -14.42
C ILE A 171 -10.94 -2.67 -15.87
N ASP A 172 -11.42 -3.59 -16.68
CA ASP A 172 -11.51 -3.43 -18.14
C ASP A 172 -10.31 -2.69 -18.75
N GLU A 173 -9.13 -3.20 -18.40
CA GLU A 173 -7.90 -3.02 -19.13
C GLU A 173 -7.52 -4.44 -19.50
N THR A 174 -7.15 -4.70 -20.74
CA THR A 174 -6.80 -6.07 -21.14
C THR A 174 -5.37 -6.17 -21.66
N GLU A 175 -4.70 -5.04 -21.82
CA GLU A 175 -3.31 -5.05 -22.24
C GLU A 175 -2.48 -4.03 -21.48
N TYR A 176 -1.25 -4.42 -21.14
CA TYR A 176 -0.25 -3.52 -20.59
C TYR A 176 0.65 -3.05 -21.73
N HIS A 177 0.90 -1.75 -21.76
CA HIS A 177 1.83 -1.17 -22.72
C HIS A 177 3.12 -0.83 -21.98
N ALA A 178 4.23 -1.43 -22.40
CA ALA A 178 5.51 -1.31 -21.70
C ALA A 178 6.20 0.04 -21.92
N GLY A 181 12.32 -0.11 -21.22
CA GLY A 181 12.71 -1.04 -20.16
C GLY A 181 13.08 -2.41 -20.70
N LYS A 182 14.13 -3.01 -20.14
CA LYS A 182 14.69 -4.29 -20.62
C LYS A 182 13.77 -5.52 -20.43
N VAL A 183 13.67 -6.31 -21.50
CA VAL A 183 12.66 -7.39 -21.62
C VAL A 183 13.25 -8.74 -22.09
N PRO A 184 12.65 -9.86 -21.65
CA PRO A 184 13.22 -11.17 -22.03
C PRO A 184 12.78 -11.63 -23.43
N ILE A 185 13.48 -11.15 -24.46
CA ILE A 185 13.04 -11.25 -25.85
C ILE A 185 12.70 -12.70 -26.26
N LYS A 186 13.56 -13.64 -25.88
CA LYS A 186 13.41 -15.04 -26.28
C LYS A 186 12.27 -15.81 -25.58
N TRP A 187 11.59 -15.14 -24.66
CA TRP A 187 10.44 -15.74 -24.01
C TRP A 187 9.18 -14.98 -24.39
N MET A 188 9.32 -13.99 -25.27
CA MET A 188 8.22 -13.06 -25.48
C MET A 188 7.43 -13.35 -26.73
N ALA A 189 6.13 -13.09 -26.65
CA ALA A 189 5.25 -13.20 -27.80
C ALA A 189 5.65 -12.15 -28.83
N LEU A 190 5.38 -12.43 -30.09
CA LEU A 190 5.80 -11.53 -31.16
C LEU A 190 5.19 -10.14 -31.00
N GLU A 191 3.90 -10.07 -30.69
CA GLU A 191 3.24 -8.78 -30.45
C GLU A 191 3.85 -7.99 -29.26
N SER A 192 4.47 -8.68 -28.30
CA SER A 192 5.16 -8.01 -27.19
C SER A 192 6.49 -7.42 -27.64
N ILE A 193 7.24 -8.19 -28.43
CA ILE A 193 8.51 -7.72 -28.95
C ILE A 193 8.29 -6.51 -29.83
N LEU A 194 7.28 -6.57 -30.70
CA LEU A 194 7.12 -5.58 -31.75
C LEU A 194 6.32 -4.35 -31.31
N ARG A 195 5.27 -4.57 -30.52
CA ARG A 195 4.37 -3.48 -30.12
C ARG A 195 4.28 -3.24 -28.61
N ARG A 196 5.15 -3.91 -27.85
CA ARG A 196 5.27 -3.72 -26.40
C ARG A 196 3.89 -3.90 -25.72
N ARG A 197 3.06 -4.71 -26.34
CA ARG A 197 1.76 -5.07 -25.77
C ARG A 197 1.89 -6.39 -25.00
N PHE A 198 1.43 -6.37 -23.75
CA PHE A 198 1.53 -7.52 -22.89
C PHE A 198 0.17 -7.88 -22.37
N THR A 199 -0.27 -9.11 -22.67
CA THR A 199 -1.56 -9.61 -22.22
C THR A 199 -1.39 -10.94 -21.52
N HIS A 200 -2.48 -11.53 -21.01
CA HIS A 200 -2.39 -12.89 -20.46
C HIS A 200 -2.05 -13.88 -21.58
N GLN A 201 -2.43 -13.51 -22.81
CA GLN A 201 -2.14 -14.36 -23.96
C GLN A 201 -0.68 -14.32 -24.42
N SER A 202 0.00 -13.21 -24.21
CA SER A 202 1.45 -13.18 -24.41
C SER A 202 2.19 -13.87 -23.25
N ASP A 203 1.55 -13.97 -22.08
CA ASP A 203 2.05 -14.84 -21.00
C ASP A 203 1.98 -16.33 -21.43
N VAL A 204 0.94 -16.69 -22.19
CA VAL A 204 0.80 -18.07 -22.66
C VAL A 204 1.96 -18.45 -23.58
N TRP A 205 2.37 -17.52 -24.44
CA TRP A 205 3.55 -17.73 -25.26
C TRP A 205 4.74 -18.02 -24.35
N SER A 206 5.02 -17.14 -23.40
CA SER A 206 6.13 -17.39 -22.45
C SER A 206 6.00 -18.75 -21.74
N TYR A 207 4.76 -19.13 -21.43
CA TYR A 207 4.48 -20.43 -20.80
C TYR A 207 4.97 -21.58 -21.68
N GLY A 208 4.68 -21.49 -22.96
CA GLY A 208 5.20 -22.43 -23.94
C GLY A 208 6.71 -22.56 -24.00
N VAL A 209 7.43 -21.44 -23.91
CA VAL A 209 8.89 -21.48 -23.86
C VAL A 209 9.33 -22.11 -22.53
N THR A 210 8.61 -21.85 -21.45
CA THR A 210 8.95 -22.47 -20.15
C THR A 210 8.89 -24.00 -20.24
N VAL A 211 7.79 -24.52 -20.77
CA VAL A 211 7.59 -25.96 -21.00
C VAL A 211 8.66 -26.49 -21.94
N TRP A 212 8.98 -25.76 -23.00
CA TRP A 212 10.12 -26.17 -23.82
C TRP A 212 11.41 -26.29 -22.98
N GLU A 213 11.67 -25.29 -22.14
CA GLU A 213 12.88 -25.30 -21.30
C GLU A 213 12.91 -26.57 -20.45
N LEU A 214 11.78 -26.89 -19.82
CA LEU A 214 11.73 -28.06 -18.94
C LEU A 214 11.94 -29.40 -19.69
N MET A 215 11.26 -29.54 -20.82
CA MET A 215 11.30 -30.74 -21.65
C MET A 215 12.64 -30.89 -22.38
N THR A 216 13.46 -29.84 -22.40
CA THR A 216 14.81 -29.96 -22.92
C THR A 216 15.82 -30.03 -21.79
N PHE A 217 15.33 -30.10 -20.55
CA PHE A 217 16.19 -30.15 -19.36
C PHE A 217 17.05 -28.88 -19.27
N GLY A 218 16.45 -27.75 -19.62
CA GLY A 218 17.05 -26.45 -19.38
C GLY A 218 17.98 -25.98 -20.47
N ALA A 219 17.70 -26.40 -21.70
CA ALA A 219 18.42 -25.85 -22.85
C ALA A 219 18.06 -24.39 -23.01
N LYS A 220 18.96 -23.65 -23.63
CA LYS A 220 18.70 -22.27 -23.91
C LYS A 220 17.90 -22.20 -25.20
N PRO A 221 16.73 -21.56 -25.14
CA PRO A 221 15.90 -21.35 -26.33
C PRO A 221 16.65 -20.52 -27.36
N TYR A 222 16.60 -20.95 -28.62
CA TYR A 222 17.30 -20.22 -29.71
C TYR A 222 18.77 -19.97 -29.40
N ASP A 223 19.46 -21.00 -28.92
CA ASP A 223 20.86 -20.87 -28.50
C ASP A 223 21.76 -20.48 -29.68
N GLY A 224 22.54 -19.41 -29.48
CA GLY A 224 23.47 -18.92 -30.48
C GLY A 224 22.83 -17.92 -31.44
N ILE A 225 21.50 -17.88 -31.45
CA ILE A 225 20.77 -16.93 -32.28
C ILE A 225 20.71 -15.58 -31.56
N PRO A 226 21.27 -14.53 -32.19
CA PRO A 226 21.21 -13.20 -31.58
C PRO A 226 19.76 -12.81 -31.31
N ALA A 227 19.55 -11.95 -30.31
CA ALA A 227 18.20 -11.58 -29.91
C ALA A 227 17.50 -10.68 -30.95
N ARG A 228 18.29 -9.95 -31.72
CA ARG A 228 17.77 -9.04 -32.74
C ARG A 228 17.15 -9.80 -33.94
N GLU A 229 17.59 -11.04 -34.14
CA GLU A 229 17.10 -11.88 -35.23
C GLU A 229 15.83 -12.66 -34.87
N ILE A 230 15.49 -12.68 -33.59
CA ILE A 230 14.33 -13.42 -33.07
C ILE A 230 13.00 -13.00 -33.70
N PRO A 231 12.71 -11.67 -33.75
CA PRO A 231 11.47 -11.22 -34.38
C PRO A 231 11.37 -11.79 -35.79
N ASP A 232 12.34 -11.47 -36.63
CA ASP A 232 12.43 -11.95 -38.00
C ASP A 232 12.25 -13.46 -38.13
N LEU A 233 12.88 -14.18 -37.21
CA LEU A 233 12.82 -15.64 -37.20
C LEU A 233 11.38 -16.10 -36.97
N LEU A 234 10.71 -15.48 -35.99
CA LEU A 234 9.33 -15.83 -35.64
C LEU A 234 8.32 -15.50 -36.73
N GLU A 235 8.57 -14.43 -37.49
CA GLU A 235 7.63 -13.99 -38.53
C GLU A 235 7.80 -14.86 -39.77
N LYS A 236 8.93 -15.54 -39.82
CA LYS A 236 9.24 -16.50 -40.89
C LYS A 236 8.82 -17.89 -40.45
N GLY A 237 8.04 -17.96 -39.39
CA GLY A 237 7.41 -19.20 -38.99
C GLY A 237 8.29 -20.20 -38.26
N GLU A 238 9.53 -19.86 -37.95
CA GLU A 238 10.32 -20.80 -37.19
C GLU A 238 9.90 -20.76 -35.73
N ARG A 239 9.95 -21.92 -35.08
CA ARG A 239 9.73 -22.00 -33.65
C ARG A 239 10.77 -22.93 -33.06
N LEU A 240 10.78 -23.00 -31.74
CA LEU A 240 11.61 -23.95 -31.03
C LEU A 240 11.27 -25.39 -31.46
N PRO A 241 12.30 -26.21 -31.69
CA PRO A 241 12.06 -27.55 -32.22
C PRO A 241 11.48 -28.48 -31.15
N GLN A 242 10.88 -29.58 -31.62
CA GLN A 242 10.37 -30.63 -30.78
C GLN A 242 11.48 -31.15 -29.88
N PRO A 243 11.29 -31.08 -28.54
CA PRO A 243 12.27 -31.72 -27.66
C PRO A 243 12.20 -33.23 -27.86
N PRO A 244 13.36 -33.91 -27.90
CA PRO A 244 13.39 -35.39 -28.06
C PRO A 244 12.35 -36.14 -27.20
N ILE A 245 12.14 -35.72 -25.96
CA ILE A 245 11.24 -36.46 -25.07
C ILE A 245 9.73 -36.14 -25.24
N CYS A 246 9.40 -35.14 -26.04
CA CYS A 246 7.99 -34.79 -26.25
C CYS A 246 7.30 -35.63 -27.31
N THR A 247 6.19 -36.25 -26.93
CA THR A 247 5.25 -36.73 -27.95
C THR A 247 4.70 -35.51 -28.71
N ILE A 248 4.13 -35.76 -29.89
CA ILE A 248 3.52 -34.70 -30.65
C ILE A 248 2.41 -34.04 -29.83
N ASP A 249 1.70 -34.85 -29.04
CA ASP A 249 0.69 -34.35 -28.12
C ASP A 249 1.21 -33.13 -27.36
N VAL A 250 2.35 -33.29 -26.70
CA VAL A 250 2.83 -32.26 -25.80
C VAL A 250 3.36 -31.10 -26.61
N TYR A 251 4.06 -31.41 -27.69
CA TYR A 251 4.67 -30.40 -28.53
C TYR A 251 3.63 -29.55 -29.26
N MET A 252 2.50 -30.16 -29.61
CA MET A 252 1.44 -29.44 -30.29
C MET A 252 0.91 -28.30 -29.41
N ILE A 253 0.75 -28.58 -28.12
CA ILE A 253 0.36 -27.58 -27.13
C ILE A 253 1.33 -26.42 -27.09
N MET A 254 2.62 -26.73 -27.11
CA MET A 254 3.65 -25.70 -27.20
C MET A 254 3.45 -24.87 -28.45
N VAL A 255 3.28 -25.54 -29.59
CA VAL A 255 3.15 -24.87 -30.86
C VAL A 255 1.94 -23.95 -30.79
N LYS A 256 0.91 -24.38 -30.07
CA LYS A 256 -0.32 -23.61 -29.96
C LYS A 256 -0.08 -22.31 -29.18
N CYS A 257 0.84 -22.37 -28.23
CA CYS A 257 1.22 -21.20 -27.42
C CYS A 257 1.94 -20.12 -28.20
N TRP A 258 2.49 -20.49 -29.37
CA TRP A 258 3.34 -19.62 -30.15
C TRP A 258 2.69 -19.27 -31.50
N MET A 259 1.35 -19.34 -31.54
CA MET A 259 0.60 -18.82 -32.67
C MET A 259 0.78 -17.31 -32.67
N ILE A 260 0.98 -16.73 -33.86
CA ILE A 260 1.11 -15.30 -34.02
C ILE A 260 -0.16 -14.54 -33.66
N ASP A 261 -1.31 -15.13 -33.97
CA ASP A 261 -2.56 -14.58 -33.49
C ASP A 261 -2.72 -15.08 -32.07
N SER A 262 -2.84 -14.14 -31.12
CA SER A 262 -2.96 -14.45 -29.69
C SER A 262 -4.28 -15.09 -29.29
N GLU A 263 -5.29 -14.96 -30.15
CA GLU A 263 -6.60 -15.60 -29.93
C GLU A 263 -6.56 -17.09 -30.23
N CYS A 264 -5.55 -17.52 -31.00
CA CYS A 264 -5.42 -18.92 -31.36
C CYS A 264 -4.58 -19.70 -30.36
N ARG A 265 -4.08 -19.01 -29.34
CA ARG A 265 -3.30 -19.62 -28.27
C ARG A 265 -4.24 -20.15 -27.19
N PRO A 266 -3.83 -21.23 -26.52
CA PRO A 266 -4.60 -21.82 -25.44
C PRO A 266 -4.85 -20.82 -24.31
N ARG A 267 -5.91 -21.05 -23.55
CA ARG A 267 -6.12 -20.29 -22.34
C ARG A 267 -5.44 -21.10 -21.26
N PHE A 268 -5.01 -20.44 -20.20
CA PHE A 268 -4.35 -21.12 -19.09
C PHE A 268 -5.23 -22.21 -18.43
N ARG A 269 -6.54 -22.03 -18.45
CA ARG A 269 -7.44 -23.02 -17.87
C ARG A 269 -7.48 -24.28 -18.73
N GLU A 270 -7.29 -24.11 -20.03
CA GLU A 270 -7.16 -25.24 -20.95
C GLU A 270 -5.81 -25.95 -20.78
N LEU A 271 -4.76 -25.19 -20.48
CA LEU A 271 -3.43 -25.78 -20.30
C LEU A 271 -3.41 -26.60 -19.02
N VAL A 272 -4.06 -26.07 -17.99
CA VAL A 272 -4.32 -26.85 -16.78
C VAL A 272 -4.94 -28.22 -17.09
N SER A 273 -6.05 -28.22 -17.82
CA SER A 273 -6.82 -29.43 -18.07
CA SER A 273 -6.80 -29.44 -18.06
C SER A 273 -6.03 -30.39 -18.97
N GLU A 274 -5.38 -29.83 -20.00
CA GLU A 274 -4.58 -30.63 -20.89
C GLU A 274 -3.38 -31.29 -20.19
N PHE A 275 -2.62 -30.54 -19.39
CA PHE A 275 -1.51 -31.14 -18.63
C PHE A 275 -1.94 -32.04 -17.46
N SER A 276 -3.07 -31.72 -16.80
CA SER A 276 -3.67 -32.67 -15.84
C SER A 276 -4.06 -34.00 -16.49
N ARG A 277 -4.63 -33.95 -17.70
CA ARG A 277 -5.01 -35.17 -18.43
C ARG A 277 -3.77 -36.02 -18.70
N MET A 278 -2.70 -35.34 -19.13
CA MET A 278 -1.47 -36.02 -19.54
C MET A 278 -0.66 -36.57 -18.38
N ALA A 279 -0.64 -35.80 -17.29
CA ALA A 279 -0.06 -36.28 -16.02
C ALA A 279 -0.67 -37.59 -15.51
N ARG A 280 -1.91 -37.89 -15.89
CA ARG A 280 -2.60 -39.12 -15.45
C ARG A 280 -1.99 -40.37 -16.09
N ASP A 281 -1.36 -40.18 -17.26
CA ASP A 281 -0.72 -41.27 -17.99
C ASP A 281 0.60 -40.75 -18.59
N PRO A 282 1.58 -40.46 -17.73
CA PRO A 282 2.71 -39.62 -18.15
C PRO A 282 3.56 -40.22 -19.29
N GLN A 283 3.82 -41.53 -19.21
CA GLN A 283 4.60 -42.28 -20.21
C GLN A 283 3.98 -42.28 -21.60
N ARG A 284 2.69 -42.01 -21.67
CA ARG A 284 2.07 -41.89 -22.97
C ARG A 284 2.44 -40.56 -23.66
N PHE A 285 2.83 -39.55 -22.90
CA PHE A 285 3.05 -38.22 -23.51
C PHE A 285 4.47 -37.66 -23.44
N VAL A 286 5.30 -38.24 -22.58
CA VAL A 286 6.69 -37.88 -22.48
C VAL A 286 7.50 -39.17 -22.50
N VAL A 287 8.38 -39.26 -23.49
CA VAL A 287 9.19 -40.44 -23.71
C VAL A 287 10.58 -40.14 -23.15
N ILE A 288 10.71 -40.35 -21.84
CA ILE A 288 11.88 -39.91 -21.09
C ILE A 288 13.17 -40.57 -21.53
N GLN A 289 13.07 -41.82 -22.02
CA GLN A 289 14.26 -42.54 -22.50
C GLN A 289 14.96 -41.83 -23.66
N ASN A 290 14.25 -40.93 -24.34
CA ASN A 290 14.81 -40.24 -25.52
C ASN A 290 15.86 -39.20 -25.16
N GLU A 291 15.95 -38.87 -23.88
CA GLU A 291 16.99 -37.99 -23.36
C GLU A 291 18.41 -38.55 -23.58
N ASP A 292 18.51 -39.87 -23.80
CA ASP A 292 19.77 -40.56 -24.14
C ASP A 292 19.98 -40.66 -25.67
N ALA B 5 -14.06 36.08 -6.55
CA ALA B 5 -15.13 36.16 -5.50
C ALA B 5 -14.60 36.67 -4.15
N PRO B 6 -15.14 37.81 -3.67
CA PRO B 6 -14.84 38.38 -2.35
C PRO B 6 -15.04 37.40 -1.21
N ASN B 7 -14.16 37.42 -0.22
CA ASN B 7 -14.29 36.52 0.94
C ASN B 7 -15.09 37.23 2.02
N GLN B 8 -16.38 36.92 2.10
CA GLN B 8 -17.25 37.58 3.06
C GLN B 8 -17.45 36.74 4.32
N ALA B 9 -16.39 36.06 4.74
CA ALA B 9 -16.39 35.45 6.05
C ALA B 9 -16.51 36.55 7.06
N LEU B 10 -17.33 36.31 8.07
CA LEU B 10 -17.53 37.23 9.14
C LEU B 10 -16.54 36.90 10.25
N LEU B 11 -15.67 37.84 10.57
CA LEU B 11 -14.79 37.68 11.71
C LEU B 11 -15.42 38.44 12.87
N ARG B 12 -15.86 37.69 13.85
CA ARG B 12 -16.57 38.23 14.97
C ARG B 12 -15.55 38.47 16.06
N ILE B 13 -15.48 39.71 16.55
CA ILE B 13 -14.61 40.03 17.67
C ILE B 13 -15.52 40.07 18.89
N LEU B 14 -15.16 39.30 19.91
CA LEU B 14 -16.02 39.09 21.07
C LEU B 14 -15.45 39.73 22.33
N LYS B 15 -16.31 40.36 23.12
CA LYS B 15 -15.96 40.87 24.45
C LYS B 15 -15.87 39.67 25.39
N GLU B 16 -14.94 39.71 26.33
CA GLU B 16 -14.68 38.59 27.24
C GLU B 16 -15.85 38.30 28.20
N THR B 17 -16.70 39.29 28.40
CA THR B 17 -17.85 39.19 29.29
C THR B 17 -19.05 38.54 28.61
N GLU B 18 -19.03 38.44 27.29
CA GLU B 18 -20.03 37.61 26.65
C GLU B 18 -19.60 36.14 26.56
N LEU B 19 -18.49 35.81 27.21
CA LEU B 19 -18.00 34.44 27.31
C LEU B 19 -18.05 33.94 28.76
N ARG B 20 -18.45 32.68 28.93
CA ARG B 20 -18.38 32.03 30.24
C ARG B 20 -17.54 30.80 30.06
N LYS B 21 -16.41 30.75 30.75
CA LYS B 21 -15.61 29.53 30.76
C LYS B 21 -16.12 28.67 31.90
N VAL B 22 -16.53 27.44 31.58
CA VAL B 22 -17.17 26.57 32.56
C VAL B 22 -16.14 25.59 33.12
N LYS B 23 -15.34 25.02 32.23
CA LYS B 23 -14.44 23.95 32.62
C LYS B 23 -13.37 23.78 31.57
N VAL B 24 -12.15 23.56 32.04
CA VAL B 24 -11.02 23.21 31.20
C VAL B 24 -11.28 21.88 30.53
N LEU B 25 -11.12 21.84 29.21
CA LEU B 25 -11.17 20.59 28.46
C LEU B 25 -9.78 20.00 28.23
N GLY B 26 -8.79 20.87 28.13
CA GLY B 26 -7.40 20.48 27.88
C GLY B 26 -6.48 21.71 27.82
N SER B 27 -5.21 21.50 28.18
CA SER B 27 -4.21 22.54 28.06
C SER B 27 -2.98 21.98 27.36
N GLY B 28 -2.41 22.73 26.44
CA GLY B 28 -1.27 22.28 25.65
C GLY B 28 -0.32 23.42 25.43
N ALA B 29 0.76 23.17 24.69
CA ALA B 29 1.81 24.16 24.47
C ALA B 29 1.28 25.45 23.86
N PHE B 30 0.14 25.35 23.20
CA PHE B 30 -0.39 26.49 22.47
C PHE B 30 -1.61 27.13 23.07
N GLY B 31 -2.11 26.58 24.18
CA GLY B 31 -3.22 27.19 24.89
C GLY B 31 -4.07 26.22 25.67
N THR B 32 -5.05 26.77 26.37
CA THR B 32 -5.98 25.98 27.17
C THR B 32 -7.34 26.14 26.56
N VAL B 33 -7.99 24.99 26.35
CA VAL B 33 -9.32 24.93 25.80
C VAL B 33 -10.36 24.68 26.89
N TYR B 34 -11.30 25.61 26.97
CA TYR B 34 -12.39 25.56 27.91
C TYR B 34 -13.67 25.12 27.20
N LYS B 35 -14.45 24.31 27.90
CA LYS B 35 -15.86 24.20 27.60
C LYS B 35 -16.47 25.48 28.16
N GLY B 36 -17.41 26.05 27.42
CA GLY B 36 -18.14 27.18 27.93
C GLY B 36 -19.41 27.51 27.19
N ILE B 37 -19.88 28.72 27.45
CA ILE B 37 -21.11 29.26 26.87
C ILE B 37 -20.78 30.62 26.27
N TRP B 38 -21.26 30.84 25.05
CA TRP B 38 -21.23 32.16 24.46
C TRP B 38 -22.63 32.80 24.49
N ILE B 39 -22.70 34.01 25.02
CA ILE B 39 -23.94 34.78 25.09
C ILE B 39 -23.73 36.13 24.36
N PRO B 40 -23.99 36.16 23.03
CA PRO B 40 -23.76 37.34 22.17
C PRO B 40 -24.49 38.60 22.64
N ASP B 41 -23.92 39.75 22.29
CA ASP B 41 -24.33 41.07 22.82
C ASP B 41 -25.83 41.33 22.90
N GLY B 42 -26.32 41.52 24.12
CA GLY B 42 -27.70 41.92 24.36
C GLY B 42 -28.76 40.87 24.10
N GLU B 43 -28.40 39.80 23.39
CA GLU B 43 -29.31 38.67 23.18
C GLU B 43 -29.47 37.85 24.46
N ASN B 44 -30.49 37.01 24.49
CA ASN B 44 -30.69 36.09 25.61
C ASN B 44 -30.57 34.63 25.16
N VAL B 45 -29.72 34.40 24.16
CA VAL B 45 -29.44 33.05 23.65
C VAL B 45 -28.07 32.54 24.15
N LYS B 46 -27.98 31.23 24.37
CA LYS B 46 -26.75 30.61 24.90
C LYS B 46 -26.21 29.58 23.93
N ILE B 47 -24.97 29.78 23.49
CA ILE B 47 -24.34 28.89 22.51
C ILE B 47 -23.19 28.13 23.20
N PRO B 48 -23.28 26.80 23.23
CA PRO B 48 -22.17 26.00 23.76
C PRO B 48 -20.93 26.23 22.89
N VAL B 49 -19.84 26.67 23.50
CA VAL B 49 -18.62 26.87 22.76
C VAL B 49 -17.41 26.25 23.44
N ALA B 50 -16.34 26.12 22.68
CA ALA B 50 -15.01 25.84 23.20
C ALA B 50 -14.24 27.14 23.04
N ILE B 51 -13.48 27.49 24.07
CA ILE B 51 -12.74 28.74 24.10
C ILE B 51 -11.29 28.35 24.33
N LYS B 52 -10.42 28.73 23.40
CA LYS B 52 -9.00 28.46 23.52
C LYS B 52 -8.29 29.76 23.87
N VAL B 53 -7.86 29.83 25.12
CA VAL B 53 -7.04 30.95 25.56
C VAL B 53 -5.61 30.65 25.15
N LEU B 54 -5.06 31.47 24.25
CA LEU B 54 -3.74 31.23 23.71
C LEU B 54 -2.62 31.54 24.70
N ARG B 55 -1.39 31.43 24.22
CA ARG B 55 -0.19 31.69 25.02
C ARG B 55 0.00 33.16 25.38
N GLU B 56 0.50 33.42 26.60
CA GLU B 56 0.59 34.78 27.15
C GLU B 56 1.56 35.75 26.47
N ASN B 57 2.82 35.37 26.29
CA ASN B 57 3.77 36.30 25.69
C ASN B 57 4.10 35.96 24.24
N THR B 58 3.02 35.78 23.48
CA THR B 58 3.03 35.53 22.05
C THR B 58 3.89 36.57 21.32
N SER B 59 4.72 36.11 20.39
CA SER B 59 5.57 37.02 19.61
C SER B 59 4.84 37.51 18.37
N PRO B 60 5.33 38.62 17.77
CA PRO B 60 4.85 39.09 16.47
C PRO B 60 4.61 37.94 15.50
N LYS B 61 5.58 37.03 15.41
CA LYS B 61 5.49 35.92 14.46
C LYS B 61 4.32 34.99 14.78
N ALA B 62 4.15 34.68 16.07
CA ALA B 62 3.11 33.75 16.50
C ALA B 62 1.73 34.37 16.32
N ASN B 63 1.61 35.64 16.70
CA ASN B 63 0.35 36.33 16.59
C ASN B 63 -0.08 36.40 15.15
N LYS B 64 0.89 36.68 14.29
CA LYS B 64 0.71 36.65 12.84
C LYS B 64 0.21 35.27 12.40
N GLU B 65 0.85 34.22 12.89
CA GLU B 65 0.40 32.85 12.64
C GLU B 65 -1.06 32.63 13.07
N ILE B 66 -1.41 33.08 14.28
CA ILE B 66 -2.79 32.99 14.79
C ILE B 66 -3.80 33.66 13.84
N LEU B 67 -3.49 34.88 13.42
CA LEU B 67 -4.37 35.66 12.56
C LEU B 67 -4.49 35.07 11.16
N ASP B 68 -3.40 34.44 10.71
CA ASP B 68 -3.38 33.56 9.53
C ASP B 68 -4.40 32.42 9.66
N GLU B 69 -4.33 31.69 10.77
CA GLU B 69 -5.27 30.59 11.07
C GLU B 69 -6.72 31.07 11.18
N ALA B 70 -6.89 32.22 11.82
CA ALA B 70 -8.21 32.80 12.04
C ALA B 70 -8.78 33.22 10.70
N TYR B 71 -7.92 33.75 9.84
CA TYR B 71 -8.35 34.21 8.54
C TYR B 71 -9.01 33.07 7.79
N VAL B 72 -8.33 31.91 7.74
CA VAL B 72 -8.80 30.78 6.94
C VAL B 72 -9.93 29.96 7.60
N MET B 73 -9.90 29.80 8.93
CA MET B 73 -11.01 29.13 9.63
C MET B 73 -12.21 29.99 10.03
N ALA B 74 -12.16 31.29 9.71
CA ALA B 74 -13.38 32.10 9.78
C ALA B 74 -14.25 31.81 8.56
N GLY B 75 -13.59 31.58 7.43
CA GLY B 75 -14.28 31.23 6.20
C GLY B 75 -15.07 29.93 6.30
N VAL B 76 -16.40 30.03 6.27
CA VAL B 76 -17.29 28.84 6.18
C VAL B 76 -16.92 27.94 4.97
N GLY B 77 -15.89 27.10 5.15
CA GLY B 77 -15.24 26.43 4.01
C GLY B 77 -15.54 24.96 3.80
N SER B 78 -15.06 24.11 4.71
CA SER B 78 -15.34 22.68 4.65
C SER B 78 -16.20 22.29 5.86
N PRO B 79 -17.16 21.37 5.66
CA PRO B 79 -17.86 20.88 6.85
C PRO B 79 -16.98 19.98 7.73
N TYR B 80 -15.77 19.64 7.24
CA TYR B 80 -14.88 18.71 7.95
C TYR B 80 -13.68 19.37 8.61
N VAL B 81 -13.77 20.69 8.77
CA VAL B 81 -12.79 21.51 9.47
C VAL B 81 -13.57 22.43 10.42
N SER B 82 -13.08 22.61 11.62
CA SER B 82 -13.84 23.40 12.58
C SER B 82 -13.68 24.90 12.29
N ARG B 83 -14.77 25.65 12.41
CA ARG B 83 -14.81 27.05 12.07
C ARG B 83 -14.60 27.90 13.32
N LEU B 84 -13.86 28.99 13.14
CA LEU B 84 -13.70 29.95 14.20
C LEU B 84 -14.94 30.83 14.19
N LEU B 85 -15.61 30.94 15.33
CA LEU B 85 -16.78 31.79 15.44
C LEU B 85 -16.36 33.20 15.72
N GLY B 86 -15.33 33.32 16.56
CA GLY B 86 -14.83 34.62 16.89
C GLY B 86 -13.58 34.59 17.71
N ILE B 87 -13.11 35.79 17.98
CA ILE B 87 -11.86 36.05 18.65
C ILE B 87 -12.15 37.14 19.66
N CYS B 88 -11.61 36.96 20.84
CA CYS B 88 -11.64 37.97 21.88
C CYS B 88 -10.21 38.49 21.92
N LEU B 89 -10.06 39.78 21.70
CA LEU B 89 -8.72 40.37 21.54
C LEU B 89 -8.19 40.95 22.85
N THR B 90 -8.39 40.21 23.93
CA THR B 90 -7.77 40.51 25.21
C THR B 90 -6.26 40.47 24.99
N SER B 91 -5.48 40.97 25.95
CA SER B 91 -4.02 40.98 25.81
C SER B 91 -3.52 39.59 25.44
N THR B 92 -4.09 38.57 26.08
CA THR B 92 -3.92 37.19 25.63
C THR B 92 -5.14 36.74 24.84
N VAL B 93 -4.92 36.55 23.53
CA VAL B 93 -5.97 36.22 22.56
C VAL B 93 -6.71 34.90 22.87
N GLN B 94 -8.03 34.95 22.72
CA GLN B 94 -8.89 33.79 22.95
C GLN B 94 -9.68 33.50 21.69
N LEU B 95 -9.71 32.23 21.29
CA LEU B 95 -10.43 31.80 20.10
C LEU B 95 -11.65 31.04 20.50
N VAL B 96 -12.75 31.29 19.79
CA VAL B 96 -14.04 30.71 20.12
C VAL B 96 -14.61 29.93 18.94
N THR B 97 -15.01 28.71 19.22
CA THR B 97 -15.58 27.82 18.24
C THR B 97 -16.74 27.08 18.86
N GLN B 98 -17.63 26.59 18.00
CA GLN B 98 -18.78 25.79 18.39
C GLN B 98 -18.32 24.53 19.12
N LEU B 99 -18.95 24.21 20.25
CA LEU B 99 -18.58 23.02 21.00
C LEU B 99 -19.04 21.77 20.26
N MET B 100 -18.10 20.84 20.02
CA MET B 100 -18.45 19.56 19.41
C MET B 100 -18.89 18.57 20.50
N PRO B 101 -20.17 18.18 20.49
CA PRO B 101 -20.74 17.51 21.67
C PRO B 101 -20.19 16.12 21.97
N TYR B 102 -19.65 15.43 20.98
CA TYR B 102 -19.07 14.10 21.21
C TYR B 102 -17.56 14.15 21.44
N GLY B 103 -17.02 15.35 21.56
CA GLY B 103 -15.62 15.52 21.93
C GLY B 103 -14.68 15.02 20.85
N CYS B 104 -13.49 14.58 21.24
CA CYS B 104 -12.52 14.23 20.23
C CYS B 104 -12.60 12.75 19.80
N LEU B 105 -12.25 12.53 18.54
CA LEU B 105 -12.47 11.24 17.86
C LEU B 105 -11.71 10.10 18.51
N LEU B 106 -10.51 10.38 19.00
CA LEU B 106 -9.70 9.38 19.67
C LEU B 106 -10.44 8.77 20.87
N ASP B 107 -10.98 9.61 21.76
CA ASP B 107 -11.75 9.10 22.90
C ASP B 107 -13.00 8.39 22.41
N HIS B 108 -13.60 8.94 21.35
CA HIS B 108 -14.82 8.41 20.76
C HIS B 108 -14.61 6.98 20.24
N VAL B 109 -13.60 6.79 19.39
CA VAL B 109 -13.34 5.49 18.82
C VAL B 109 -12.95 4.45 19.89
N ARG B 110 -12.23 4.88 20.93
CA ARG B 110 -11.81 3.99 22.03
C ARG B 110 -12.98 3.45 22.85
N GLU B 111 -13.95 4.31 23.14
CA GLU B 111 -15.05 3.91 24.01
C GLU B 111 -16.23 3.31 23.25
N ASN B 112 -16.12 3.25 21.92
CA ASN B 112 -17.15 2.66 21.12
C ASN B 112 -16.63 1.46 20.33
N ARG B 113 -15.54 0.89 20.83
CA ARG B 113 -15.00 -0.35 20.28
C ARG B 113 -16.05 -1.46 20.43
N GLY B 114 -16.40 -2.09 19.30
CA GLY B 114 -17.47 -3.10 19.26
C GLY B 114 -18.81 -2.51 18.84
N ARG B 115 -18.84 -1.18 18.79
CA ARG B 115 -20.05 -0.43 18.48
C ARG B 115 -19.94 0.28 17.13
N LEU B 116 -18.78 0.13 16.46
CA LEU B 116 -18.52 0.82 15.21
C LEU B 116 -18.38 -0.12 14.01
N GLY B 117 -19.03 0.24 12.91
CA GLY B 117 -19.03 -0.59 11.73
C GLY B 117 -18.04 -0.11 10.72
N SER B 118 -17.86 -0.88 9.65
CA SER B 118 -16.98 -0.53 8.54
C SER B 118 -17.30 0.82 7.87
N GLN B 119 -18.59 1.10 7.61
CA GLN B 119 -18.97 2.40 7.04
C GLN B 119 -18.64 3.56 7.98
N ASP B 120 -18.90 3.41 9.28
CA ASP B 120 -18.56 4.42 10.28
C ASP B 120 -17.10 4.81 10.15
N LEU B 121 -16.23 3.80 10.11
CA LEU B 121 -14.78 4.05 10.08
C LEU B 121 -14.31 4.65 8.77
N LEU B 122 -14.75 4.07 7.66
CA LEU B 122 -14.33 4.55 6.34
C LEU B 122 -14.89 5.93 6.01
N ASN B 123 -16.09 6.22 6.51
CA ASN B 123 -16.67 7.55 6.36
C ASN B 123 -15.82 8.62 7.09
N TRP B 124 -15.35 8.31 8.29
CA TRP B 124 -14.45 9.23 9.00
C TRP B 124 -13.17 9.47 8.19
N CYS B 125 -12.58 8.38 7.69
CA CYS B 125 -11.34 8.51 6.91
C CYS B 125 -11.56 9.40 5.70
N MET B 126 -12.72 9.28 5.08
CA MET B 126 -13.07 10.06 3.88
C MET B 126 -13.31 11.52 4.29
N GLN B 127 -13.97 11.73 5.42
CA GLN B 127 -14.26 13.09 5.84
C GLN B 127 -12.97 13.82 6.22
N ILE B 128 -12.13 13.14 6.98
CA ILE B 128 -10.85 13.69 7.40
C ILE B 128 -10.02 14.05 6.15
N ALA B 129 -10.01 13.16 5.15
CA ALA B 129 -9.33 13.42 3.86
C ALA B 129 -9.93 14.60 3.12
N LYS B 130 -11.25 14.71 3.12
CA LYS B 130 -11.91 15.90 2.54
C LYS B 130 -11.49 17.16 3.29
N GLY B 131 -11.60 17.13 4.62
CA GLY B 131 -11.06 18.21 5.45
C GLY B 131 -9.66 18.65 5.05
N MET B 132 -8.77 17.67 4.86
CA MET B 132 -7.35 17.94 4.57
C MET B 132 -7.14 18.48 3.17
N SER B 133 -7.91 17.94 2.23
CA SER B 133 -7.94 18.42 0.88
C SER B 133 -8.34 19.90 0.80
N TYR B 134 -9.35 20.28 1.57
CA TYR B 134 -9.75 21.67 1.68
C TYR B 134 -8.60 22.49 2.30
N LEU B 135 -8.01 22.03 3.40
CA LEU B 135 -6.89 22.77 4.00
C LEU B 135 -5.70 22.94 3.05
N GLU B 136 -5.42 21.93 2.23
CA GLU B 136 -4.35 22.05 1.25
C GLU B 136 -4.70 23.09 0.18
N ASP B 137 -5.97 23.15 -0.20
CA ASP B 137 -6.44 24.14 -1.16
C ASP B 137 -6.25 25.58 -0.67
N VAL B 138 -6.35 25.79 0.65
CA VAL B 138 -6.14 27.11 1.24
C VAL B 138 -4.71 27.29 1.75
N ARG B 139 -3.83 26.35 1.41
CA ARG B 139 -2.37 26.50 1.67
C ARG B 139 -1.99 26.34 3.14
N LEU B 140 -2.83 25.67 3.90
CA LEU B 140 -2.52 25.41 5.29
C LEU B 140 -1.87 24.04 5.41
N VAL B 141 -0.75 23.99 6.12
CA VAL B 141 -0.11 22.73 6.49
C VAL B 141 -0.45 22.56 7.98
N HIS B 142 -1.13 21.47 8.29
CA HIS B 142 -1.62 21.28 9.65
C HIS B 142 -0.47 21.02 10.63
N ARG B 143 0.36 20.03 10.32
CA ARG B 143 1.58 19.64 11.05
C ARG B 143 1.32 18.79 12.29
N ASP B 144 0.06 18.69 12.71
CA ASP B 144 -0.28 17.92 13.89
C ASP B 144 -1.58 17.18 13.67
N LEU B 145 -1.75 16.63 12.49
CA LEU B 145 -2.95 15.85 12.24
C LEU B 145 -2.78 14.52 12.93
N ALA B 146 -3.82 14.13 13.67
CA ALA B 146 -3.80 12.98 14.58
C ALA B 146 -5.23 12.86 15.11
N ALA B 147 -5.68 11.67 15.46
CA ALA B 147 -7.06 11.48 15.96
C ALA B 147 -7.48 12.40 17.10
N ARG B 148 -6.54 12.68 18.03
CA ARG B 148 -6.80 13.61 19.13
C ARG B 148 -7.16 15.02 18.63
N ASN B 149 -6.83 15.32 17.37
CA ASN B 149 -7.09 16.63 16.79
C ASN B 149 -8.27 16.64 15.81
N VAL B 150 -9.05 15.58 15.84
CA VAL B 150 -10.30 15.53 15.11
C VAL B 150 -11.42 15.49 16.15
N LEU B 151 -12.49 16.23 15.90
CA LEU B 151 -13.65 16.27 16.78
C LEU B 151 -14.85 15.56 16.18
N VAL B 152 -15.73 15.08 17.05
CA VAL B 152 -16.96 14.43 16.61
C VAL B 152 -18.17 15.37 16.77
N LYS B 153 -18.71 15.87 15.66
CA LYS B 153 -19.91 16.70 15.71
C LYS B 153 -21.11 15.82 16.05
N SER B 154 -21.25 14.75 15.28
CA SER B 154 -22.28 13.74 15.47
C SER B 154 -21.64 12.44 15.02
N PRO B 155 -22.24 11.29 15.39
CA PRO B 155 -21.64 9.98 15.12
C PRO B 155 -21.00 9.83 13.75
N ASN B 156 -21.57 10.46 12.74
CA ASN B 156 -21.06 10.33 11.36
C ASN B 156 -20.57 11.65 10.71
N HIS B 157 -20.06 12.55 11.55
CA HIS B 157 -19.55 13.83 11.08
C HIS B 157 -18.43 14.30 12.00
N VAL B 158 -17.22 14.33 11.42
CA VAL B 158 -16.01 14.73 12.13
C VAL B 158 -15.34 15.99 11.55
N LYS B 159 -14.58 16.66 12.42
CA LYS B 159 -13.92 17.91 12.10
C LYS B 159 -12.45 17.93 12.51
N ILE B 160 -11.60 18.34 11.59
CA ILE B 160 -10.24 18.66 11.93
C ILE B 160 -10.23 20.00 12.68
N THR B 161 -9.40 20.08 13.73
CA THR B 161 -9.38 21.23 14.59
C THR B 161 -7.97 21.40 15.12
N ASP B 162 -7.86 22.25 16.13
CA ASP B 162 -6.64 22.53 16.91
C ASP B 162 -5.76 23.59 16.26
N PHE B 163 -5.01 23.22 15.24
CA PHE B 163 -4.28 24.22 14.44
C PHE B 163 -3.15 24.95 15.17
N GLY B 164 -2.77 24.45 16.36
CA GLY B 164 -1.67 25.01 17.13
C GLY B 164 -0.38 25.14 16.34
N LEU B 165 -0.10 24.14 15.50
CA LEU B 165 1.15 24.05 14.75
C LEU B 165 0.95 24.41 13.29
N ALA B 166 -0.30 24.68 12.95
CA ALA B 166 -0.67 24.94 11.58
C ALA B 166 0.07 26.17 11.01
N ARG B 167 0.52 26.08 9.76
CA ARG B 167 1.18 27.21 9.11
C ARG B 167 0.64 27.40 7.71
N LEU B 168 0.49 28.67 7.33
CA LEU B 168 0.02 29.02 5.99
C LEU B 168 1.24 29.20 5.10
N LEU B 169 1.27 28.47 3.98
CA LEU B 169 2.35 28.62 3.01
C LEU B 169 2.18 29.90 2.21
N ASP B 170 3.24 30.70 2.14
CA ASP B 170 3.19 31.88 1.29
C ASP B 170 2.92 31.42 -0.15
N ILE B 171 2.41 32.32 -0.96
CA ILE B 171 2.23 32.01 -2.36
C ILE B 171 3.60 31.67 -2.96
N ASP B 172 3.68 30.58 -3.72
CA ASP B 172 4.95 30.12 -4.29
C ASP B 172 5.93 29.53 -3.26
N GLU B 173 5.40 29.16 -2.10
CA GLU B 173 6.13 28.37 -1.10
C GLU B 173 5.48 26.99 -1.03
N THR B 174 6.28 25.92 -1.04
CA THR B 174 5.75 24.56 -0.96
C THR B 174 6.06 23.92 0.38
N GLU B 175 6.98 24.53 1.12
CA GLU B 175 7.38 23.97 2.41
C GLU B 175 7.60 24.98 3.53
N TYR B 176 7.22 24.56 4.73
CA TYR B 176 7.55 25.25 5.96
C TYR B 176 8.66 24.48 6.69
N HIS B 177 9.56 25.21 7.35
CA HIS B 177 10.61 24.59 8.17
C HIS B 177 10.49 25.05 9.62
N ALA B 178 10.67 24.13 10.57
CA ALA B 178 10.69 24.46 12.02
C ALA B 178 11.43 23.44 12.87
N GLY B 181 10.04 19.63 17.26
CA GLY B 181 10.35 20.23 18.56
C GLY B 181 9.16 20.09 19.49
N LYS B 182 8.07 20.81 19.17
CA LYS B 182 6.82 20.64 19.87
C LYS B 182 5.88 19.70 19.11
N VAL B 183 6.30 19.31 17.91
CA VAL B 183 5.55 18.39 17.09
C VAL B 183 5.72 16.95 17.56
N PRO B 184 4.62 16.28 17.94
CA PRO B 184 4.69 14.90 18.39
C PRO B 184 5.24 14.00 17.28
N ILE B 185 6.36 13.34 17.55
CA ILE B 185 7.18 12.69 16.54
C ILE B 185 6.51 11.51 15.86
N LYS B 186 5.58 10.86 16.57
CA LYS B 186 4.97 9.62 16.07
C LYS B 186 3.95 9.82 14.94
N TRP B 187 3.60 11.05 14.63
CA TRP B 187 2.75 11.31 13.46
C TRP B 187 3.58 11.99 12.38
N MET B 188 4.88 12.12 12.63
CA MET B 188 5.69 12.98 11.81
C MET B 188 6.30 12.21 10.64
N ALA B 189 6.24 12.84 9.46
CA ALA B 189 6.94 12.34 8.28
C ALA B 189 8.42 12.30 8.57
N LEU B 190 9.13 11.38 7.93
CA LEU B 190 10.55 11.23 8.21
C LEU B 190 11.36 12.46 7.76
N GLU B 191 10.98 13.08 6.64
CA GLU B 191 11.67 14.30 6.22
C GLU B 191 11.44 15.44 7.20
N SER B 192 10.32 15.37 7.94
CA SER B 192 10.01 16.38 8.96
C SER B 192 10.93 16.22 10.16
N ILE B 193 11.18 14.96 10.51
CA ILE B 193 12.03 14.63 11.64
C ILE B 193 13.46 14.96 11.27
N LEU B 194 13.88 14.54 10.08
CA LEU B 194 15.27 14.64 9.67
C LEU B 194 15.63 16.03 9.16
N ARG B 195 14.87 16.53 8.19
CA ARG B 195 15.23 17.77 7.50
C ARG B 195 14.40 18.97 7.93
N ARG B 196 13.62 18.79 8.99
CA ARG B 196 12.75 19.85 9.50
C ARG B 196 11.76 20.36 8.45
N ARG B 197 11.38 19.50 7.50
CA ARG B 197 10.58 19.91 6.36
C ARG B 197 9.13 19.51 6.57
N PHE B 198 8.23 20.47 6.35
CA PHE B 198 6.83 20.21 6.46
C PHE B 198 6.13 20.63 5.18
N THR B 199 5.40 19.70 4.58
CA THR B 199 4.63 19.96 3.39
C THR B 199 3.22 19.37 3.60
N HIS B 200 2.35 19.57 2.62
CA HIS B 200 1.11 18.82 2.52
C HIS B 200 1.37 17.33 2.46
N GLN B 201 2.45 16.94 1.80
CA GLN B 201 2.81 15.55 1.74
C GLN B 201 3.27 14.95 3.08
N SER B 202 3.79 15.79 3.98
CA SER B 202 4.07 15.32 5.33
C SER B 202 2.79 15.21 6.14
N ASP B 203 1.81 16.06 5.85
CA ASP B 203 0.45 15.89 6.42
C ASP B 203 -0.17 14.59 5.95
N VAL B 204 0.17 14.16 4.74
CA VAL B 204 -0.36 12.90 4.24
C VAL B 204 0.16 11.73 5.09
N TRP B 205 1.43 11.78 5.46
CA TRP B 205 1.98 10.82 6.40
C TRP B 205 1.18 10.82 7.70
N SER B 206 0.89 12.00 8.22
CA SER B 206 0.14 12.12 9.49
C SER B 206 -1.26 11.56 9.34
N TYR B 207 -1.86 11.85 8.19
CA TYR B 207 -3.14 11.30 7.85
C TYR B 207 -3.11 9.77 7.96
N GLY B 208 -2.09 9.17 7.33
CA GLY B 208 -1.86 7.71 7.39
C GLY B 208 -1.89 7.19 8.82
N VAL B 209 -1.20 7.87 9.73
CA VAL B 209 -1.17 7.43 11.15
C VAL B 209 -2.54 7.60 11.80
N THR B 210 -3.24 8.69 11.44
CA THR B 210 -4.59 8.95 11.95
C THR B 210 -5.57 7.85 11.58
N VAL B 211 -5.58 7.47 10.31
CA VAL B 211 -6.36 6.32 9.84
C VAL B 211 -6.02 5.06 10.64
N TRP B 212 -4.74 4.87 10.91
CA TRP B 212 -4.29 3.71 11.65
C TRP B 212 -4.91 3.75 13.06
N GLU B 213 -4.96 4.95 13.67
CA GLU B 213 -5.53 5.11 14.98
C GLU B 213 -6.97 4.71 14.97
N LEU B 214 -7.68 5.17 13.95
CA LEU B 214 -9.09 4.85 13.83
C LEU B 214 -9.34 3.34 13.68
N MET B 215 -8.56 2.69 12.81
CA MET B 215 -8.78 1.28 12.46
C MET B 215 -8.34 0.32 13.55
N THR B 216 -7.48 0.82 14.45
CA THR B 216 -7.08 0.08 15.62
C THR B 216 -7.97 0.44 16.80
N PHE B 217 -8.97 1.28 16.55
CA PHE B 217 -9.83 1.80 17.64
C PHE B 217 -9.04 2.62 18.65
N GLY B 218 -8.12 3.43 18.16
CA GLY B 218 -7.39 4.35 19.02
C GLY B 218 -6.22 3.75 19.78
N ALA B 219 -5.60 2.73 19.19
CA ALA B 219 -4.35 2.22 19.71
C ALA B 219 -3.30 3.32 19.64
N LYS B 220 -2.25 3.17 20.42
CA LYS B 220 -1.19 4.16 20.45
C LYS B 220 -0.12 3.74 19.46
N PRO B 221 0.20 4.62 18.50
CA PRO B 221 1.23 4.24 17.53
C PRO B 221 2.56 3.96 18.25
N TYR B 222 3.19 2.87 17.88
CA TYR B 222 4.52 2.52 18.42
C TYR B 222 4.49 2.57 19.95
N ASP B 223 3.50 1.92 20.54
CA ASP B 223 3.25 1.95 21.98
C ASP B 223 4.46 1.42 22.77
N GLY B 224 4.93 2.20 23.75
CA GLY B 224 6.11 1.82 24.54
C GLY B 224 7.43 2.36 24.01
N ILE B 225 7.55 2.47 22.68
CA ILE B 225 8.79 2.90 22.01
C ILE B 225 9.09 4.39 22.25
N PRO B 226 10.23 4.67 22.91
CA PRO B 226 10.62 6.04 23.21
C PRO B 226 10.75 6.85 21.93
N ALA B 227 10.46 8.14 22.02
CA ALA B 227 10.50 9.05 20.87
C ALA B 227 11.84 9.02 20.13
N ARG B 228 12.95 8.98 20.87
CA ARG B 228 14.28 8.97 20.24
C ARG B 228 14.54 7.80 19.29
N GLU B 229 13.86 6.67 19.50
CA GLU B 229 14.09 5.46 18.70
C GLU B 229 13.35 5.47 17.35
N ILE B 230 12.40 6.40 17.24
CA ILE B 230 11.47 6.45 16.11
C ILE B 230 12.14 6.63 14.76
N PRO B 231 12.96 7.70 14.60
CA PRO B 231 13.58 7.90 13.28
C PRO B 231 14.35 6.66 12.82
N ASP B 232 15.04 6.00 13.74
CA ASP B 232 15.82 4.82 13.38
C ASP B 232 14.94 3.64 12.98
N LEU B 233 13.87 3.41 13.73
CA LEU B 233 12.88 2.38 13.41
C LEU B 233 12.29 2.58 12.01
N LEU B 234 11.83 3.81 11.74
CA LEU B 234 11.32 4.21 10.42
C LEU B 234 12.39 4.08 9.33
N GLU B 235 13.60 4.56 9.61
CA GLU B 235 14.70 4.45 8.64
C GLU B 235 15.10 3.00 8.36
N LYS B 236 14.90 2.15 9.35
CA LYS B 236 15.20 0.72 9.17
C LYS B 236 14.01 -0.01 8.56
N GLY B 237 12.99 0.74 8.17
CA GLY B 237 11.89 0.23 7.34
C GLY B 237 10.67 -0.29 8.08
N GLU B 238 10.63 -0.08 9.40
CA GLU B 238 9.44 -0.47 10.13
C GLU B 238 8.35 0.60 10.04
N ARG B 239 7.12 0.13 9.92
CA ARG B 239 5.96 0.98 9.94
C ARG B 239 4.94 0.42 10.91
N LEU B 240 3.82 1.12 11.04
CA LEU B 240 2.73 0.66 11.87
C LEU B 240 2.11 -0.60 11.25
N PRO B 241 1.81 -1.63 12.06
CA PRO B 241 1.31 -2.92 11.54
C PRO B 241 -0.11 -2.86 11.00
N GLN B 242 -0.50 -3.87 10.25
CA GLN B 242 -1.82 -3.91 9.67
C GLN B 242 -2.86 -4.07 10.77
N PRO B 243 -3.82 -3.13 10.84
CA PRO B 243 -4.83 -3.32 11.87
C PRO B 243 -5.67 -4.55 11.54
N PRO B 244 -6.00 -5.38 12.56
CA PRO B 244 -6.73 -6.62 12.35
C PRO B 244 -7.99 -6.47 11.49
N ILE B 245 -8.74 -5.36 11.61
CA ILE B 245 -9.95 -5.13 10.76
C ILE B 245 -9.68 -4.67 9.32
N CYS B 246 -8.44 -4.29 9.01
CA CYS B 246 -8.15 -3.75 7.69
C CYS B 246 -7.88 -4.81 6.67
N THR B 247 -8.57 -4.75 5.53
CA THR B 247 -8.11 -5.51 4.38
C THR B 247 -6.76 -4.95 3.96
N ILE B 248 -6.01 -5.71 3.16
CA ILE B 248 -4.79 -5.23 2.55
C ILE B 248 -5.01 -3.97 1.70
N ASP B 249 -6.19 -3.86 1.10
CA ASP B 249 -6.60 -2.66 0.36
C ASP B 249 -6.41 -1.36 1.16
N VAL B 250 -7.00 -1.31 2.34
CA VAL B 250 -6.91 -0.16 3.23
C VAL B 250 -5.48 0.03 3.77
N TYR B 251 -4.85 -1.04 4.22
CA TYR B 251 -3.52 -0.97 4.77
C TYR B 251 -2.53 -0.46 3.73
N MET B 252 -2.71 -0.88 2.49
CA MET B 252 -1.87 -0.42 1.38
C MET B 252 -1.92 1.09 1.27
N ILE B 253 -3.08 1.68 1.54
CA ILE B 253 -3.20 3.14 1.48
C ILE B 253 -2.32 3.76 2.55
N MET B 254 -2.43 3.21 3.76
CA MET B 254 -1.62 3.67 4.89
C MET B 254 -0.15 3.60 4.52
N VAL B 255 0.27 2.45 4.00
CA VAL B 255 1.66 2.19 3.63
C VAL B 255 2.15 3.24 2.62
N LYS B 256 1.33 3.57 1.64
CA LYS B 256 1.71 4.57 0.66
C LYS B 256 1.92 5.90 1.33
N CYS B 257 1.13 6.20 2.35
CA CYS B 257 1.28 7.41 3.15
C CYS B 257 2.62 7.49 3.90
N TRP B 258 3.26 6.33 4.11
CA TRP B 258 4.49 6.28 4.89
C TRP B 258 5.73 5.95 4.08
N MET B 259 5.68 6.23 2.78
CA MET B 259 6.83 6.05 1.92
C MET B 259 7.81 7.16 2.22
N ILE B 260 9.11 6.85 2.24
CA ILE B 260 10.13 7.84 2.49
C ILE B 260 10.05 8.94 1.42
N ASP B 261 9.78 8.53 0.20
CA ASP B 261 9.72 9.45 -0.92
C ASP B 261 8.34 10.04 -0.94
N SER B 262 8.22 11.33 -0.64
CA SER B 262 6.91 11.98 -0.54
C SER B 262 6.13 12.02 -1.85
N GLU B 263 6.83 11.90 -2.99
CA GLU B 263 6.15 11.83 -4.27
C GLU B 263 5.58 10.43 -4.54
N CYS B 264 5.80 9.51 -3.60
CA CYS B 264 5.18 8.20 -3.64
C CYS B 264 3.96 8.14 -2.75
N ARG B 265 3.76 9.14 -1.91
CA ARG B 265 2.58 9.19 -1.05
C ARG B 265 1.36 9.60 -1.87
N PRO B 266 0.16 9.18 -1.46
CA PRO B 266 -1.03 9.64 -2.15
C PRO B 266 -1.26 11.12 -1.90
N ARG B 267 -1.99 11.76 -2.79
CA ARG B 267 -2.43 13.11 -2.60
C ARG B 267 -3.73 13.07 -1.81
N PHE B 268 -4.05 14.17 -1.12
CA PHE B 268 -5.31 14.23 -0.41
C PHE B 268 -6.52 14.03 -1.29
N ARG B 269 -6.46 14.52 -2.54
CA ARG B 269 -7.55 14.32 -3.50
C ARG B 269 -7.70 12.86 -3.87
N GLU B 270 -6.56 12.18 -4.04
CA GLU B 270 -6.55 10.76 -4.31
C GLU B 270 -7.09 10.00 -3.09
N LEU B 271 -6.79 10.47 -1.89
CA LEU B 271 -7.31 9.82 -0.67
C LEU B 271 -8.82 10.04 -0.48
N VAL B 272 -9.31 11.17 -0.99
CA VAL B 272 -10.73 11.44 -0.98
C VAL B 272 -11.44 10.42 -1.87
N SER B 273 -10.97 10.26 -3.11
CA SER B 273 -11.64 9.35 -4.06
C SER B 273 -11.58 7.88 -3.60
N GLU B 274 -10.45 7.50 -3.04
CA GLU B 274 -10.22 6.12 -2.64
C GLU B 274 -11.05 5.75 -1.42
N PHE B 275 -11.05 6.60 -0.39
CA PHE B 275 -11.91 6.33 0.75
C PHE B 275 -13.41 6.51 0.47
N SER B 276 -13.77 7.37 -0.50
CA SER B 276 -15.17 7.39 -0.92
C SER B 276 -15.54 6.10 -1.67
N ARG B 277 -14.67 5.67 -2.59
CA ARG B 277 -14.84 4.36 -3.21
C ARG B 277 -15.09 3.30 -2.15
N MET B 278 -14.26 3.27 -1.12
CA MET B 278 -14.35 2.23 -0.10
C MET B 278 -15.55 2.40 0.81
N ALA B 279 -15.86 3.64 1.17
CA ALA B 279 -17.11 3.92 1.91
C ALA B 279 -18.38 3.47 1.17
N ARG B 280 -18.33 3.37 -0.15
CA ARG B 280 -19.48 2.88 -0.92
C ARG B 280 -19.62 1.37 -0.84
N ASP B 281 -18.53 0.66 -0.57
CA ASP B 281 -18.62 -0.78 -0.41
C ASP B 281 -17.89 -1.21 0.85
N PRO B 282 -18.30 -0.64 2.00
CA PRO B 282 -17.54 -0.76 3.25
C PRO B 282 -17.18 -2.18 3.63
N GLN B 283 -18.04 -3.11 3.23
CA GLN B 283 -17.91 -4.52 3.57
C GLN B 283 -16.73 -5.16 2.82
N ARG B 284 -16.39 -4.61 1.66
CA ARG B 284 -15.29 -5.17 0.88
C ARG B 284 -13.96 -4.84 1.55
N PHE B 285 -13.96 -3.81 2.40
CA PHE B 285 -12.72 -3.15 2.80
C PHE B 285 -12.31 -3.17 4.27
N VAL B 286 -13.28 -3.40 5.15
CA VAL B 286 -13.05 -3.38 6.58
C VAL B 286 -13.89 -4.49 7.18
N VAL B 287 -13.24 -5.34 7.98
CA VAL B 287 -13.90 -6.54 8.51
C VAL B 287 -13.89 -6.48 10.03
N ILE B 288 -14.99 -5.97 10.57
CA ILE B 288 -15.14 -5.70 12.01
C ILE B 288 -15.07 -6.94 12.89
N GLN B 289 -15.45 -8.08 12.34
CA GLN B 289 -15.42 -9.32 13.11
C GLN B 289 -14.00 -9.66 13.60
N ASN B 290 -12.99 -9.03 12.99
CA ASN B 290 -11.58 -9.27 13.36
C ASN B 290 -11.05 -8.38 14.48
N GLU B 291 -11.93 -7.57 15.06
CA GLU B 291 -11.58 -6.59 16.09
C GLU B 291 -11.08 -7.18 17.42
N PRO B 298 -25.29 0.16 20.93
CA PRO B 298 -25.89 1.41 21.41
C PRO B 298 -24.82 2.46 21.70
N LEU B 299 -24.67 3.40 20.77
CA LEU B 299 -23.53 4.32 20.74
C LEU B 299 -23.50 5.32 21.90
N ASP B 300 -22.56 5.14 22.84
CA ASP B 300 -22.41 6.05 23.97
C ASP B 300 -21.19 6.99 23.89
N SER B 301 -21.28 8.11 24.60
CA SER B 301 -20.22 9.12 24.67
C SER B 301 -20.12 9.72 26.08
N THR B 302 -19.03 9.37 26.76
CA THR B 302 -18.65 9.99 28.04
C THR B 302 -18.71 11.52 27.98
N PHE B 303 -18.19 12.08 26.88
CA PHE B 303 -18.15 13.52 26.71
C PHE B 303 -19.55 14.14 26.59
N TYR B 304 -20.35 13.58 25.67
CA TYR B 304 -21.71 14.04 25.41
C TYR B 304 -22.58 13.96 26.66
N ARG B 305 -22.46 12.85 27.41
CA ARG B 305 -23.17 12.66 28.68
C ARG B 305 -22.73 13.71 29.70
N SER B 306 -21.42 13.96 29.74
CA SER B 306 -20.85 15.01 30.58
C SER B 306 -21.51 16.38 30.34
N LEU B 307 -21.84 16.66 29.07
CA LEU B 307 -22.61 17.87 28.72
C LEU B 307 -24.08 17.84 29.20
N LEU B 308 -24.44 16.81 29.96
CA LEU B 308 -25.80 16.65 30.49
C LEU B 308 -25.80 16.13 31.94
O1 03Q C . 14.20 -14.68 -8.92
C2 03Q C . 13.93 -15.83 -9.72
C3 03Q C . 14.18 -17.16 -9.00
O4 03Q C . 14.93 -16.96 -7.81
C5 03Q C . 15.95 -17.91 -7.55
C6 03Q C . 16.47 -17.65 -6.15
N7 03Q C . 15.82 -18.48 -5.11
C8 03Q C . 16.33 -19.67 -4.68
C9 03Q C . 15.57 -20.19 -3.69
C10 03Q C . 14.50 -19.25 -3.46
N11 03Q C . 13.45 -19.22 -2.60
C12 03Q C . 12.62 -18.20 -2.61
N13 03Q C . 12.76 -17.17 -3.45
C14 03Q C . 13.78 -17.11 -4.32
N15 03Q C . 13.91 -16.03 -5.20
C16 03Q C . 13.08 -14.91 -5.13
C17 03Q C . 12.41 -14.49 -6.27
N18 03Q C . 11.61 -13.45 -6.27
C19 03Q C . 11.39 -12.75 -5.19
O20 03Q C . 10.55 -11.68 -5.26
C21 03Q C . 9.22 -11.79 -4.97
C22 03Q C . 8.66 -12.95 -4.43
C23 03Q C . 7.31 -13.01 -4.12
C24 03Q C . 6.48 -11.93 -4.35
C25 03Q C . 7.04 -10.77 -4.87
C26 03Q C . 8.40 -10.70 -5.17
C27 03Q C . 6.15 -9.60 -5.10
F28 03Q C . 6.83 -8.45 -5.45
F29 03Q C . 5.40 -9.37 -3.95
F30 03Q C . 5.33 -9.86 -6.17
C31 03Q C . 12.03 -13.11 -3.99
CL32 03Q C . 11.77 -12.19 -2.54
C33 03Q C . 12.88 -14.20 -3.94
C34 03Q C . 14.70 -18.17 -4.36
O1 03Q D . -7.60 20.23 20.27
C2 03Q D . -7.90 18.84 20.33
C3 03Q D . -9.40 18.69 20.10
O4 03Q D . -10.12 19.44 21.09
C5 03Q D . -10.50 18.65 22.22
C6 03Q D . -11.38 19.51 23.11
N7 03Q D . -12.74 19.73 22.55
C8 03Q D . -13.82 18.97 22.91
C9 03Q D . -14.93 19.38 22.28
C10 03Q D . -14.54 20.50 21.45
N11 03Q D . -15.22 21.29 20.62
C12 03Q D . -14.63 22.27 19.98
N13 03Q D . -13.33 22.47 20.10
C14 03Q D . -12.57 21.74 20.91
N15 03Q D . -11.21 22.02 21.00
C16 03Q D . -10.62 23.08 20.32
C17 03Q D . -9.55 22.86 19.46
N18 03Q D . -8.99 23.87 18.80
C19 03Q D . -9.42 25.13 18.94
O20 03Q D . -8.82 26.15 18.27
C21 03Q D . -9.27 26.53 17.04
C22 03Q D . -10.47 26.02 16.51
C23 03Q D . -10.89 26.44 15.27
C24 03Q D . -10.13 27.35 14.55
C25 03Q D . -8.93 27.83 15.07
C26 03Q D . -8.50 27.42 16.31
C27 03Q D . -8.12 28.81 14.27
F28 03Q D . -6.83 28.94 14.78
F29 03Q D . -8.77 30.04 14.28
F30 03Q D . -8.00 28.40 12.97
C31 03Q D . -10.47 25.41 19.78
CL32 03Q D . -10.98 27.06 19.95
C33 03Q D . -11.08 24.40 20.49
C34 03Q D . -13.15 20.69 21.65
#